data_7M3K
#
_entry.id   7M3K
#
_cell.length_a   144.950
_cell.length_b   144.950
_cell.length_c   167.570
_cell.angle_alpha   90.000
_cell.angle_beta   90.000
_cell.angle_gamma   120.000
#
_symmetry.space_group_name_H-M   'P 62 2 2'
#
loop_
_entity.id
_entity.type
_entity.pdbx_description
1 polymer 'Galactonate dehydratase'
2 non-polymer 'ZINC ION'
3 non-polymer 'CHLORIDE ION'
4 non-polymer 'TETRAETHYLENE GLYCOL'
5 non-polymer DI(HYDROXYETHYL)ETHER
6 non-polymer 'TRIETHYLENE GLYCOL'
7 water water
#
_entity_poly.entity_id   1
_entity_poly.type   'polypeptide(L)'
_entity_poly.pdbx_seq_one_letter_code
;MAHHHHHHMNKPVTPKTPKLRSRAWFDNPDDVDMTALYLERYMNYGLSQEELQSGRPIIGIAQTGSDLSPCNRHHLELAK
RVRDGVREAGGIVIEFPVHPIQETGKRPTAGLDRNLAYLGLVEVLYGYPLDGVVLTIGCDKTTPACLMAAATVNIPAIAL
SVGPMLNGWFRGERTGSGTIVWKARELLAKGEIDYQGFVKLVASSAPSTGYCNTMGTATTMNSLAEALGMQLPGSAAIPA
PYRDRQEVAYLMGRRIVEMVHEDLKPSDILTKEAFINAIRVNSAIGGSTNAPIHLNALARHIGVELTVDDWQKYGEEIPL
LVNLQPAGEYLGEDYYHAGGVPAVVNQLMGQGLIHEDAITVNGKTIGENCKNATIEDGNVIKTYDQPLKKHAGFRVLRGN
LFSSAIMKLSVISDEFRNRYLSDAKDPNAFEGKAVVFDGPEDYHHRIDDPALEIDEHTVLFMRGAGPIGYPGAAEVVNMR
APDYLLKKGITSLPCIGDGRQSGTSGSPSILNASPEAAAGGGLAILKTGDRVRIDLGRGTADILISDEELAERRKALEAV
GGYKYPESQTPWQEIQRAVIGQMETGAVLENAVKYQDIAHTRGLPRDNH
;
_entity_poly.pdbx_strand_id   A
#
# COMPACT_ATOMS: atom_id res chain seq x y z
N LYS A 19 26.13 21.88 12.24
CA LYS A 19 25.39 21.45 11.06
C LYS A 19 24.55 20.20 11.36
N LEU A 20 25.01 19.36 12.28
CA LEU A 20 24.23 18.22 12.72
C LEU A 20 23.22 18.69 13.75
N ARG A 21 21.93 18.44 13.50
CA ARG A 21 20.91 18.93 14.41
C ARG A 21 20.98 18.26 15.77
N SER A 22 21.60 17.08 15.87
CA SER A 22 21.68 16.40 17.16
C SER A 22 22.54 17.17 18.17
N ARG A 23 23.46 18.02 17.70
CA ARG A 23 24.31 18.78 18.61
C ARG A 23 23.52 19.78 19.47
N ALA A 24 22.33 20.20 19.02
CA ALA A 24 21.52 21.11 19.85
C ALA A 24 21.12 20.45 21.16
N TRP A 25 21.07 19.11 21.20
CA TRP A 25 20.80 18.35 22.41
C TRP A 25 22.08 17.99 23.17
N PHE A 26 23.02 17.32 22.49
CA PHE A 26 24.15 16.67 23.16
C PHE A 26 25.40 17.52 23.26
N ASP A 27 25.48 18.66 22.56
CA ASP A 27 26.72 19.42 22.50
C ASP A 27 26.44 20.89 22.20
N ASN A 28 25.70 21.54 23.10
CA ASN A 28 25.24 22.91 22.91
C ASN A 28 25.94 23.81 23.93
N PRO A 29 27.05 24.44 23.59
CA PRO A 29 27.78 25.26 24.57
C PRO A 29 26.99 26.45 25.10
N ASP A 30 25.99 26.95 24.36
CA ASP A 30 25.22 28.10 24.84
C ASP A 30 24.34 27.71 26.02
N ASP A 31 23.91 26.46 26.10
CA ASP A 31 23.05 25.95 27.16
C ASP A 31 23.77 24.77 27.83
N VAL A 32 24.58 25.07 28.85
CA VAL A 32 25.32 24.03 29.55
C VAL A 32 24.38 23.18 30.39
N ASP A 33 23.36 23.79 31.00
CA ASP A 33 22.45 23.09 31.88
C ASP A 33 21.75 21.94 31.15
N MET A 34 21.04 22.25 30.07
CA MET A 34 20.24 21.24 29.40
C MET A 34 21.11 20.21 28.68
N THR A 35 22.27 20.62 28.17
CA THR A 35 23.18 19.66 27.55
C THR A 35 23.59 18.58 28.55
N ALA A 36 23.94 18.97 29.77
CA ALA A 36 24.26 18.00 30.80
C ALA A 36 23.07 17.09 31.11
N LEU A 37 21.85 17.59 30.95
CA LEU A 37 20.66 16.79 31.25
C LEU A 37 20.48 15.65 30.24
N TYR A 38 20.55 15.95 28.95
CA TYR A 38 20.40 14.90 27.94
C TYR A 38 21.56 13.91 27.99
N LEU A 39 22.78 14.41 28.17
CA LEU A 39 23.94 13.51 28.28
C LEU A 39 23.73 12.51 29.41
N GLU A 40 23.34 12.99 30.59
CA GLU A 40 23.19 12.13 31.76
C GLU A 40 22.27 10.95 31.46
N ARG A 41 21.11 11.21 30.86
CA ARG A 41 20.15 10.14 30.61
C ARG A 41 20.64 9.18 29.53
N TYR A 42 21.13 9.72 28.41
CA TYR A 42 21.50 8.87 27.29
C TYR A 42 22.83 8.17 27.48
N MET A 43 23.51 8.38 28.61
CA MET A 43 24.71 7.65 28.95
C MET A 43 24.46 6.53 29.95
N ASN A 44 23.19 6.31 30.38
CA ASN A 44 22.98 5.40 31.50
C ASN A 44 22.98 3.93 31.08
N TYR A 45 23.15 3.62 29.80
CA TYR A 45 23.44 2.24 29.42
C TYR A 45 24.82 2.09 28.75
N GLY A 46 25.73 3.03 29.00
CA GLY A 46 27.14 2.84 28.70
C GLY A 46 27.70 3.69 27.57
N LEU A 47 26.86 4.42 26.84
CA LEU A 47 27.39 5.38 25.86
C LEU A 47 28.26 6.42 26.56
N SER A 48 29.40 6.73 25.96
CA SER A 48 30.33 7.69 26.55
C SER A 48 29.99 9.12 26.13
N GLN A 49 30.48 10.07 26.92
CA GLN A 49 30.36 11.48 26.56
C GLN A 49 31.00 11.75 25.19
N GLU A 50 32.16 11.14 24.94
CA GLU A 50 32.86 11.36 23.67
C GLU A 50 32.04 10.89 22.48
N GLU A 51 31.37 9.74 22.60
CA GLU A 51 30.51 9.28 21.51
C GLU A 51 29.40 10.28 21.19
N LEU A 52 28.86 10.91 22.22
CA LEU A 52 27.72 11.81 22.04
C LEU A 52 28.13 13.24 21.75
N GLN A 53 29.41 13.60 21.92
CA GLN A 53 29.90 14.95 21.73
C GLN A 53 31.11 14.98 20.80
N SER A 54 31.07 14.25 19.69
CA SER A 54 32.16 14.28 18.74
C SER A 54 31.65 14.42 17.30
N GLY A 55 30.45 14.95 17.12
CA GLY A 55 29.93 15.19 15.78
C GLY A 55 29.60 13.93 15.01
N ARG A 56 29.19 12.89 15.67
CA ARG A 56 28.80 11.65 15.02
C ARG A 56 27.32 11.68 14.67
N PRO A 57 26.94 11.29 13.45
CA PRO A 57 25.51 11.26 13.11
C PRO A 57 24.74 10.33 14.03
N ILE A 58 23.65 10.84 14.58
CA ILE A 58 22.75 10.04 15.39
C ILE A 58 21.67 9.50 14.48
N ILE A 59 21.63 8.17 14.35
CA ILE A 59 20.78 7.50 13.38
C ILE A 59 19.68 6.80 14.14
N GLY A 60 18.43 7.21 13.92
CA GLY A 60 17.32 6.44 14.44
C GLY A 60 17.05 5.20 13.60
N ILE A 61 16.64 4.14 14.27
CA ILE A 61 16.00 3.01 13.61
C ILE A 61 14.54 3.04 14.03
N ALA A 62 13.66 3.38 13.09
CA ALA A 62 12.21 3.33 13.32
C ALA A 62 11.78 1.88 13.20
N GLN A 63 11.63 1.22 14.35
CA GLN A 63 11.42 -0.21 14.46
C GLN A 63 9.93 -0.57 14.42
N THR A 64 9.51 -1.35 13.42
CA THR A 64 8.12 -1.77 13.28
C THR A 64 7.86 -3.22 13.68
N GLY A 65 8.87 -3.97 14.10
CA GLY A 65 8.69 -5.36 14.48
C GLY A 65 8.29 -5.53 15.93
N SER A 66 7.43 -6.52 16.17
CA SER A 66 7.03 -6.87 17.53
C SER A 66 6.24 -8.18 17.45
N ASP A 67 5.94 -8.74 18.63
CA ASP A 67 4.98 -9.84 18.68
C ASP A 67 3.66 -9.44 18.05
N LEU A 68 3.29 -8.16 18.15
CA LEU A 68 1.95 -7.79 17.72
C LEU A 68 1.90 -7.62 16.21
N SER A 69 3.04 -7.49 15.57
CA SER A 69 3.16 -7.37 14.12
CA SER A 69 3.17 -7.36 14.12
C SER A 69 4.03 -8.49 13.59
N PRO A 70 3.49 -9.72 13.52
CA PRO A 70 4.31 -10.85 13.04
C PRO A 70 4.97 -10.61 11.67
N CYS A 71 4.33 -9.85 10.77
CA CYS A 71 4.88 -9.63 9.45
C CYS A 71 6.23 -8.94 9.51
N ASN A 72 6.39 -8.00 10.42
CA ASN A 72 7.56 -7.15 10.50
C ASN A 72 8.54 -7.58 11.59
N ARG A 73 8.21 -8.63 12.34
CA ARG A 73 8.95 -8.95 13.55
C ARG A 73 10.43 -9.25 13.29
N HIS A 74 10.77 -9.79 12.12
CA HIS A 74 12.18 -10.08 11.84
C HIS A 74 13.04 -8.81 11.81
N HIS A 75 12.44 -7.63 11.67
CA HIS A 75 13.21 -6.39 11.77
C HIS A 75 13.91 -6.24 13.12
N LEU A 76 13.44 -6.91 14.17
CA LEU A 76 14.16 -6.87 15.44
C LEU A 76 15.54 -7.49 15.30
N GLU A 77 15.65 -8.57 14.52
CA GLU A 77 16.94 -9.21 14.24
C GLU A 77 17.74 -8.44 13.18
N LEU A 78 17.08 -7.95 12.12
CA LEU A 78 17.79 -7.19 11.09
C LEU A 78 18.45 -5.94 11.65
N ALA A 79 17.91 -5.36 12.72
CA ALA A 79 18.50 -4.15 13.29
C ALA A 79 19.94 -4.38 13.77
N LYS A 80 20.30 -5.62 14.08
CA LYS A 80 21.68 -5.89 14.49
C LYS A 80 22.66 -5.61 13.37
N ARG A 81 22.32 -6.01 12.13
CA ARG A 81 23.16 -5.72 10.98
C ARG A 81 23.16 -4.22 10.66
N VAL A 82 22.02 -3.54 10.82
CA VAL A 82 21.97 -2.10 10.61
C VAL A 82 22.96 -1.40 11.56
N ARG A 83 22.94 -1.81 12.83
CA ARG A 83 23.85 -1.29 13.84
C ARG A 83 25.31 -1.46 13.44
N ASP A 84 25.68 -2.63 12.93
CA ASP A 84 27.05 -2.83 12.45
C ASP A 84 27.44 -1.78 11.42
N GLY A 85 26.53 -1.50 10.48
CA GLY A 85 26.87 -0.60 9.40
C GLY A 85 26.97 0.84 9.87
N VAL A 86 26.07 1.24 10.78
CA VAL A 86 26.08 2.59 11.31
C VAL A 86 27.34 2.85 12.12
N ARG A 87 27.64 1.95 13.06
CA ARG A 87 28.85 2.06 13.87
C ARG A 87 30.09 2.16 13.00
N GLU A 88 30.26 1.19 12.10
CA GLU A 88 31.40 1.16 11.20
C GLU A 88 31.54 2.44 10.41
N ALA A 89 30.42 3.06 10.03
CA ALA A 89 30.47 4.27 9.23
C ALA A 89 30.65 5.53 10.09
N GLY A 90 30.63 5.40 11.41
CA GLY A 90 30.89 6.52 12.29
C GLY A 90 29.68 7.10 12.98
N GLY A 91 28.52 6.43 12.92
CA GLY A 91 27.31 6.93 13.53
C GLY A 91 26.98 6.23 14.84
N ILE A 92 25.90 6.68 15.47
CA ILE A 92 25.36 6.08 16.67
C ILE A 92 23.89 5.75 16.40
N VAL A 93 23.48 4.54 16.76
CA VAL A 93 22.09 4.11 16.57
C VAL A 93 21.28 4.45 17.80
N ILE A 94 20.08 5.02 17.59
CA ILE A 94 19.03 5.09 18.60
C ILE A 94 17.82 4.35 18.02
N GLU A 95 17.60 3.12 18.48
CA GLU A 95 16.44 2.35 18.05
C GLU A 95 15.22 2.71 18.88
N PHE A 96 14.07 2.89 18.22
CA PHE A 96 12.83 3.25 18.90
C PHE A 96 11.65 2.66 18.12
N PRO A 97 10.49 2.52 18.76
CA PRO A 97 9.34 1.89 18.09
C PRO A 97 8.45 2.86 17.32
N VAL A 98 7.89 2.31 16.22
CA VAL A 98 6.74 2.89 15.52
C VAL A 98 5.49 2.29 16.15
N HIS A 99 4.40 3.04 16.15
CA HIS A 99 3.16 2.52 16.67
C HIS A 99 2.74 1.27 15.89
N PRO A 100 2.29 0.23 16.58
CA PRO A 100 1.93 -1.03 15.90
C PRO A 100 0.85 -0.84 14.85
N ILE A 101 1.10 -1.40 13.66
CA ILE A 101 0.11 -1.62 12.63
C ILE A 101 0.25 -3.08 12.22
N GLN A 102 -0.87 -3.74 11.97
CA GLN A 102 -0.87 -5.13 11.52
C GLN A 102 -2.16 -5.35 10.76
N GLU A 103 -2.04 -5.71 9.48
CA GLU A 103 -3.22 -5.86 8.63
C GLU A 103 -4.09 -7.03 9.10
N THR A 104 -3.46 -8.20 9.24
CA THR A 104 -4.14 -9.37 9.81
C THR A 104 -4.01 -9.30 11.33
N GLY A 105 -4.90 -8.52 11.94
CA GLY A 105 -4.88 -8.35 13.38
C GLY A 105 -5.68 -7.18 13.91
N LYS A 106 -5.42 -5.98 13.39
CA LYS A 106 -6.08 -4.79 13.88
C LYS A 106 -7.57 -4.80 13.51
N ARG A 107 -8.41 -4.47 14.50
CA ARG A 107 -9.84 -4.38 14.30
C ARG A 107 -10.34 -2.99 14.67
N PRO A 108 -11.31 -2.42 13.93
CA PRO A 108 -11.99 -3.08 12.80
C PRO A 108 -11.18 -3.08 11.49
N THR A 109 -10.18 -2.19 11.38
CA THR A 109 -9.34 -2.12 10.20
C THR A 109 -8.00 -1.48 10.56
N ALA A 110 -6.93 -2.00 9.97
CA ALA A 110 -5.59 -1.49 10.22
C ALA A 110 -5.33 -0.17 9.50
N GLY A 111 -6.16 0.21 8.53
CA GLY A 111 -6.00 1.50 7.87
C GLY A 111 -6.34 2.66 8.78
N LEU A 112 -7.20 2.43 9.77
CA LEU A 112 -7.45 3.40 10.82
C LEU A 112 -6.16 3.87 11.49
N ASP A 113 -5.12 3.04 11.47
CA ASP A 113 -3.94 3.28 12.29
C ASP A 113 -2.72 3.75 11.50
N ARG A 114 -2.75 3.75 10.17
CA ARG A 114 -1.64 4.34 9.40
C ARG A 114 -1.40 5.80 9.80
N ASN A 115 -2.47 6.58 9.89
CA ASN A 115 -2.30 8.00 10.21
C ASN A 115 -1.86 8.20 11.66
N LEU A 116 -2.23 7.28 12.55
CA LEU A 116 -1.80 7.40 13.95
C LEU A 116 -0.31 7.10 14.09
N ALA A 117 0.17 6.06 13.40
CA ALA A 117 1.60 5.79 13.41
C ALA A 117 2.38 6.93 12.78
N TYR A 118 1.83 7.53 11.72
CA TYR A 118 2.43 8.71 11.11
C TYR A 118 2.62 9.83 12.13
N LEU A 119 1.55 10.17 12.87
CA LEU A 119 1.60 11.24 13.86
C LEU A 119 2.73 11.01 14.86
N GLY A 120 2.82 9.80 15.41
CA GLY A 120 3.83 9.54 16.41
C GLY A 120 5.24 9.59 15.85
N LEU A 121 5.43 9.04 14.65
CA LEU A 121 6.77 9.04 14.07
C LEU A 121 7.22 10.47 13.73
N VAL A 122 6.30 11.32 13.27
CA VAL A 122 6.65 12.74 13.09
C VAL A 122 7.16 13.33 14.40
N GLU A 123 6.47 13.06 15.52
CA GLU A 123 6.89 13.59 16.80
C GLU A 123 8.28 13.13 17.20
N VAL A 124 8.62 11.86 16.93
CA VAL A 124 9.94 11.36 17.30
C VAL A 124 11.02 12.00 16.43
N LEU A 125 10.84 11.96 15.11
CA LEU A 125 11.85 12.48 14.20
C LEU A 125 12.09 13.96 14.44
N TYR A 126 11.02 14.72 14.67
CA TYR A 126 11.13 16.16 14.84
C TYR A 126 11.69 16.53 16.21
N GLY A 127 11.21 15.90 17.27
CA GLY A 127 11.51 16.34 18.61
C GLY A 127 12.63 15.63 19.36
N TYR A 128 13.37 14.73 18.71
CA TYR A 128 14.49 14.04 19.32
C TYR A 128 15.77 14.30 18.53
N PRO A 129 16.96 14.14 19.17
CA PRO A 129 18.22 14.39 18.45
C PRO A 129 18.58 13.33 17.43
N LEU A 130 17.82 13.25 16.33
CA LEU A 130 18.09 12.32 15.25
C LEU A 130 18.54 13.08 14.02
N ASP A 131 19.70 12.70 13.48
CA ASP A 131 20.22 13.31 12.26
C ASP A 131 19.78 12.56 11.00
N GLY A 132 19.41 11.29 11.12
CA GLY A 132 18.94 10.48 10.01
C GLY A 132 18.18 9.31 10.59
N VAL A 133 17.46 8.60 9.72
CA VAL A 133 16.62 7.51 10.21
C VAL A 133 16.59 6.36 9.21
N VAL A 134 16.67 5.15 9.74
CA VAL A 134 16.38 3.93 9.00
C VAL A 134 14.93 3.56 9.28
N LEU A 135 14.11 3.50 8.24
CA LEU A 135 12.71 3.13 8.38
C LEU A 135 12.59 1.63 8.06
N THR A 136 12.10 0.86 9.02
CA THR A 136 11.90 -0.57 8.80
C THR A 136 10.48 -0.75 8.28
N ILE A 137 10.35 -1.19 7.04
CA ILE A 137 9.04 -1.30 6.42
C ILE A 137 8.75 -2.77 6.13
N GLY A 138 7.48 -3.06 5.94
CA GLY A 138 7.04 -4.41 5.67
C GLY A 138 5.54 -4.46 5.44
N CYS A 139 4.80 -4.84 6.49
CA CYS A 139 3.34 -5.00 6.43
C CYS A 139 2.66 -3.78 5.83
N ASP A 140 1.48 -4.02 5.23
CA ASP A 140 0.84 -3.15 4.24
C ASP A 140 0.99 -1.64 4.48
N LYS A 141 0.67 -1.16 5.69
CA LYS A 141 0.60 0.27 5.96
C LYS A 141 1.87 0.84 6.62
N THR A 142 2.83 -0.01 7.03
CA THR A 142 4.06 0.52 7.61
C THR A 142 4.88 1.25 6.56
N THR A 143 4.84 0.81 5.30
CA THR A 143 5.60 1.54 4.28
C THR A 143 5.10 2.97 4.15
N PRO A 144 3.81 3.23 3.90
CA PRO A 144 3.39 4.65 3.78
C PRO A 144 3.48 5.41 5.10
N ALA A 145 3.11 4.79 6.22
CA ALA A 145 3.21 5.49 7.51
C ALA A 145 4.64 5.98 7.75
N CYS A 146 5.64 5.11 7.54
CA CYS A 146 7.03 5.51 7.73
C CYS A 146 7.45 6.56 6.71
N LEU A 147 7.09 6.38 5.45
CA LEU A 147 7.55 7.31 4.42
C LEU A 147 6.85 8.66 4.55
N MET A 148 5.56 8.65 4.88
CA MET A 148 4.83 9.90 5.09
C MET A 148 5.47 10.73 6.18
N ALA A 149 5.80 10.11 7.32
CA ALA A 149 6.39 10.86 8.42
C ALA A 149 7.78 11.35 8.06
N ALA A 150 8.59 10.51 7.42
CA ALA A 150 9.87 10.95 6.92
C ALA A 150 9.72 12.12 5.95
N ALA A 151 8.66 12.10 5.14
CA ALA A 151 8.42 13.20 4.20
C ALA A 151 8.14 14.50 4.94
N THR A 152 7.29 14.44 5.97
CA THR A 152 6.91 15.63 6.72
C THR A 152 8.12 16.26 7.42
N VAL A 153 8.97 15.45 8.06
CA VAL A 153 10.09 16.01 8.80
C VAL A 153 11.26 16.30 7.88
N ASN A 154 11.62 15.34 7.02
CA ASN A 154 12.55 15.53 5.89
C ASN A 154 14.02 15.59 6.34
N ILE A 155 14.39 14.83 7.37
CA ILE A 155 15.80 14.53 7.60
C ILE A 155 16.16 13.33 6.74
N PRO A 156 17.43 13.10 6.42
CA PRO A 156 17.79 11.94 5.59
C PRO A 156 17.22 10.64 6.14
N ALA A 157 16.68 9.83 5.23
CA ALA A 157 15.92 8.64 5.59
C ALA A 157 16.13 7.59 4.51
N ILE A 158 16.22 6.34 4.93
CA ILE A 158 16.34 5.22 4.02
C ILE A 158 15.39 4.15 4.53
N ALA A 159 14.77 3.42 3.61
CA ALA A 159 13.81 2.40 3.98
C ALA A 159 14.40 1.01 3.74
N LEU A 160 14.09 0.08 4.63
CA LEU A 160 14.52 -1.32 4.54
C LEU A 160 13.29 -2.21 4.60
N SER A 161 13.01 -2.92 3.50
CA SER A 161 11.98 -3.95 3.53
C SER A 161 12.42 -5.13 4.41
N VAL A 162 11.46 -5.74 5.10
CA VAL A 162 11.77 -6.99 5.78
C VAL A 162 11.76 -8.15 4.78
N GLY A 163 10.83 -8.14 3.84
CA GLY A 163 10.74 -9.13 2.79
C GLY A 163 9.59 -10.10 2.99
N PRO A 164 9.23 -10.82 1.93
CA PRO A 164 8.15 -11.81 2.04
C PRO A 164 8.60 -13.05 2.78
N MET A 165 7.60 -13.75 3.32
CA MET A 165 7.73 -15.14 3.72
C MET A 165 8.17 -15.99 2.53
N LEU A 166 8.71 -17.17 2.84
CA LEU A 166 9.05 -18.15 1.83
C LEU A 166 7.80 -18.68 1.13
N ASN A 167 8.03 -19.34 -0.01
CA ASN A 167 6.93 -19.94 -0.77
C ASN A 167 6.18 -20.99 0.05
N GLY A 168 4.86 -20.97 -0.07
CA GLY A 168 4.06 -22.06 0.45
C GLY A 168 4.08 -23.26 -0.48
N TRP A 169 3.90 -24.43 0.11
CA TRP A 169 4.01 -25.70 -0.60
C TRP A 169 2.88 -26.59 -0.12
N PHE A 170 2.05 -27.07 -1.04
CA PHE A 170 0.94 -27.95 -0.70
C PHE A 170 0.78 -28.94 -1.85
N ARG A 171 1.10 -30.21 -1.57
CA ARG A 171 1.02 -31.30 -2.56
C ARG A 171 1.70 -30.91 -3.87
N GLY A 172 2.90 -30.35 -3.76
CA GLY A 172 3.72 -30.06 -4.90
C GLY A 172 3.45 -28.75 -5.59
N GLU A 173 2.59 -27.89 -5.02
CA GLU A 173 2.21 -26.66 -5.67
C GLU A 173 2.44 -25.46 -4.74
N ARG A 174 2.74 -24.33 -5.35
CA ARG A 174 2.91 -23.07 -4.62
C ARG A 174 1.57 -22.58 -4.08
N THR A 175 1.51 -22.29 -2.78
CA THR A 175 0.35 -21.64 -2.18
C THR A 175 0.76 -20.29 -1.64
N GLY A 176 -0.01 -19.26 -1.98
CA GLY A 176 0.30 -17.91 -1.59
C GLY A 176 -0.56 -17.46 -0.42
N SER A 177 0.03 -16.68 0.47
CA SER A 177 -0.74 -16.13 1.58
C SER A 177 -1.75 -15.13 1.05
N GLY A 178 -2.94 -15.12 1.65
CA GLY A 178 -3.99 -14.25 1.16
C GLY A 178 -4.71 -14.79 -0.06
N THR A 179 -3.95 -15.09 -1.11
CA THR A 179 -4.53 -15.66 -2.33
C THR A 179 -5.11 -17.05 -2.07
N ILE A 180 -4.43 -17.87 -1.27
CA ILE A 180 -4.95 -19.20 -0.95
C ILE A 180 -6.24 -19.11 -0.14
N VAL A 181 -6.47 -17.97 0.52
CA VAL A 181 -7.70 -17.81 1.27
C VAL A 181 -8.89 -17.66 0.33
N TRP A 182 -8.79 -16.74 -0.64
CA TRP A 182 -9.90 -16.51 -1.57
C TRP A 182 -10.19 -17.75 -2.41
N LYS A 183 -9.18 -18.57 -2.67
CA LYS A 183 -9.37 -19.83 -3.39
C LYS A 183 -9.89 -20.95 -2.49
N ALA A 184 -9.61 -20.88 -1.18
CA ALA A 184 -10.18 -21.85 -0.26
C ALA A 184 -11.54 -21.42 0.27
N ARG A 185 -11.84 -20.12 0.25
CA ARG A 185 -13.18 -19.65 0.60
C ARG A 185 -14.22 -20.00 -0.46
N GLU A 186 -13.78 -20.25 -1.70
CA GLU A 186 -14.66 -20.80 -2.73
C GLU A 186 -14.59 -22.31 -2.80
N LEU A 187 -13.51 -22.93 -2.31
CA LEU A 187 -13.44 -24.38 -2.20
C LEU A 187 -14.09 -24.88 -0.92
N LEU A 188 -14.33 -24.01 0.06
CA LEU A 188 -15.06 -24.37 1.27
C LEU A 188 -16.56 -24.13 1.12
N ALA A 189 -16.96 -22.99 0.54
CA ALA A 189 -18.37 -22.66 0.29
C ALA A 189 -18.99 -23.49 -0.84
N LYS A 190 -18.29 -24.52 -1.32
CA LYS A 190 -18.81 -25.43 -2.34
C LYS A 190 -18.72 -26.89 -1.90
N GLY A 191 -18.57 -27.14 -0.60
CA GLY A 191 -18.60 -28.50 -0.07
C GLY A 191 -17.40 -29.36 -0.43
N GLU A 192 -16.47 -28.80 -1.20
CA GLU A 192 -15.27 -29.50 -1.62
C GLU A 192 -14.13 -29.36 -0.62
N ILE A 193 -14.35 -28.68 0.50
CA ILE A 193 -13.35 -28.54 1.55
C ILE A 193 -14.08 -28.29 2.87
N ASP A 194 -13.73 -29.07 3.89
CA ASP A 194 -14.35 -28.94 5.19
C ASP A 194 -13.77 -27.72 5.92
N TYR A 195 -14.15 -27.54 7.18
CA TYR A 195 -13.72 -26.38 7.97
C TYR A 195 -12.46 -26.64 8.78
N GLN A 196 -11.95 -27.87 8.80
CA GLN A 196 -10.69 -28.21 9.45
C GLN A 196 -9.52 -28.28 8.47
N GLY A 197 -9.72 -28.98 7.34
CA GLY A 197 -8.73 -28.95 6.27
C GLY A 197 -8.62 -27.59 5.60
N PHE A 198 -9.60 -26.72 5.81
CA PHE A 198 -9.48 -25.32 5.39
C PHE A 198 -8.35 -24.63 6.14
N VAL A 199 -8.12 -24.99 7.40
CA VAL A 199 -7.08 -24.34 8.19
C VAL A 199 -5.69 -24.83 7.77
N LYS A 200 -5.57 -26.10 7.38
CA LYS A 200 -4.27 -26.63 6.98
C LYS A 200 -3.81 -26.05 5.65
N LEU A 201 -4.72 -25.96 4.67
CA LEU A 201 -4.36 -25.38 3.38
C LEU A 201 -3.96 -23.92 3.50
N VAL A 202 -4.49 -23.22 4.50
CA VAL A 202 -4.10 -21.82 4.69
C VAL A 202 -2.79 -21.72 5.47
N ALA A 203 -2.59 -22.61 6.46
CA ALA A 203 -1.37 -22.56 7.25
C ALA A 203 -0.13 -22.88 6.41
N SER A 204 -0.29 -23.68 5.36
CA SER A 204 0.84 -24.02 4.51
C SER A 204 1.40 -22.79 3.78
N SER A 205 0.59 -21.74 3.62
CA SER A 205 1.03 -20.58 2.86
C SER A 205 1.86 -19.61 3.68
N ALA A 206 2.01 -19.82 4.99
CA ALA A 206 2.80 -18.94 5.85
C ALA A 206 3.90 -19.75 6.53
N PRO A 207 4.92 -20.17 5.80
CA PRO A 207 5.91 -21.13 6.32
C PRO A 207 7.13 -20.50 6.99
N SER A 208 7.19 -19.18 7.14
CA SER A 208 8.35 -18.53 7.76
C SER A 208 7.93 -17.13 8.18
N THR A 209 8.88 -16.38 8.74
CA THR A 209 8.67 -14.98 9.04
C THR A 209 8.71 -14.15 7.75
N GLY A 210 8.14 -12.95 7.81
CA GLY A 210 8.01 -12.08 6.66
C GLY A 210 6.55 -11.74 6.38
N TYR A 211 6.33 -10.94 5.34
CA TYR A 211 4.96 -10.57 5.01
C TYR A 211 4.45 -11.43 3.85
N CYS A 212 3.26 -11.08 3.38
CA CYS A 212 2.56 -11.86 2.36
CA CYS A 212 2.56 -11.84 2.35
C CYS A 212 3.45 -12.14 1.16
N ASN A 213 3.46 -13.39 0.72
CA ASN A 213 4.36 -13.84 -0.33
C ASN A 213 3.76 -13.77 -1.73
N THR A 214 2.56 -13.22 -1.86
CA THR A 214 1.97 -12.93 -3.15
C THR A 214 2.23 -11.47 -3.52
N MET A 215 1.67 -11.03 -4.64
CA MET A 215 1.69 -9.61 -5.01
C MET A 215 0.52 -8.92 -4.29
N GLY A 216 0.62 -8.85 -2.97
CA GLY A 216 -0.35 -8.16 -2.15
C GLY A 216 0.05 -6.71 -1.94
N THR A 217 -0.63 -6.06 -0.99
CA THR A 217 -0.31 -4.66 -0.72
C THR A 217 1.12 -4.50 -0.22
N ALA A 218 1.60 -5.46 0.59
CA ALA A 218 2.94 -5.35 1.17
C ALA A 218 4.01 -5.48 0.10
N THR A 219 3.91 -6.52 -0.75
CA THR A 219 4.86 -6.66 -1.85
C THR A 219 4.80 -5.46 -2.78
N THR A 220 3.59 -4.99 -3.09
CA THR A 220 3.42 -3.78 -3.89
C THR A 220 4.17 -2.60 -3.26
N MET A 221 3.80 -2.25 -2.02
CA MET A 221 4.31 -1.03 -1.41
C MET A 221 5.81 -1.10 -1.20
N ASN A 222 6.33 -2.29 -0.85
CA ASN A 222 7.78 -2.43 -0.69
C ASN A 222 8.52 -2.32 -2.02
N SER A 223 7.96 -2.93 -3.08
CA SER A 223 8.50 -2.72 -4.42
C SER A 223 8.45 -1.24 -4.80
N LEU A 224 7.33 -0.57 -4.54
CA LEU A 224 7.24 0.84 -4.92
C LEU A 224 8.21 1.70 -4.12
N ALA A 225 8.49 1.32 -2.86
CA ALA A 225 9.46 2.07 -2.08
C ALA A 225 10.83 2.04 -2.74
N GLU A 226 11.20 0.89 -3.33
CA GLU A 226 12.44 0.83 -4.08
C GLU A 226 12.34 1.64 -5.37
N ALA A 227 11.22 1.50 -6.10
CA ALA A 227 11.04 2.24 -7.35
C ALA A 227 11.04 3.75 -7.13
N LEU A 228 10.54 4.20 -5.97
CA LEU A 228 10.58 5.61 -5.59
C LEU A 228 11.99 6.11 -5.30
N GLY A 229 12.97 5.23 -5.17
CA GLY A 229 14.31 5.63 -4.79
C GLY A 229 14.65 5.53 -3.32
N MET A 230 13.78 4.93 -2.50
CA MET A 230 13.99 4.96 -1.05
C MET A 230 14.63 3.70 -0.49
N GLN A 231 15.00 2.73 -1.34
CA GLN A 231 15.79 1.58 -0.93
C GLN A 231 16.99 1.41 -1.84
N LEU A 232 18.03 0.74 -1.31
CA LEU A 232 19.14 0.28 -2.13
C LEU A 232 18.61 -0.62 -3.25
N PRO A 233 19.23 -0.61 -4.43
CA PRO A 233 18.69 -1.40 -5.53
C PRO A 233 18.72 -2.90 -5.21
N GLY A 234 17.63 -3.57 -5.55
CA GLY A 234 17.48 -4.99 -5.29
C GLY A 234 16.96 -5.34 -3.91
N SER A 235 16.74 -4.36 -3.04
CA SER A 235 16.39 -4.67 -1.65
C SER A 235 14.96 -5.16 -1.48
N ALA A 236 14.01 -4.67 -2.29
CA ALA A 236 12.59 -4.88 -1.97
C ALA A 236 12.19 -6.35 -2.02
N ALA A 237 12.71 -7.11 -2.98
CA ALA A 237 12.19 -8.45 -3.26
C ALA A 237 12.79 -9.55 -2.37
N ILE A 238 13.87 -9.28 -1.65
CA ILE A 238 14.57 -10.32 -0.88
C ILE A 238 13.65 -10.94 0.16
N PRO A 239 13.41 -12.25 0.14
CA PRO A 239 12.63 -12.88 1.20
C PRO A 239 13.24 -12.63 2.57
N ALA A 240 12.37 -12.51 3.58
CA ALA A 240 12.84 -12.15 4.91
C ALA A 240 13.89 -13.10 5.48
N PRO A 241 13.77 -14.43 5.36
CA PRO A 241 14.76 -15.32 5.97
C PRO A 241 16.07 -15.46 5.19
N TYR A 242 16.24 -14.80 4.05
CA TYR A 242 17.48 -14.95 3.28
C TYR A 242 18.61 -14.17 3.92
N ARG A 243 19.82 -14.76 3.93
CA ARG A 243 20.96 -14.00 4.45
C ARG A 243 21.24 -12.76 3.61
N ASP A 244 20.77 -12.72 2.35
CA ASP A 244 20.89 -11.50 1.54
C ASP A 244 20.19 -10.31 2.22
N ARG A 245 19.07 -10.57 2.89
CA ARG A 245 18.36 -9.52 3.59
C ARG A 245 19.22 -8.94 4.70
N GLN A 246 19.96 -9.80 5.40
CA GLN A 246 20.82 -9.35 6.48
C GLN A 246 22.01 -8.56 5.97
N GLU A 247 22.58 -8.95 4.83
CA GLU A 247 23.67 -8.15 4.29
C GLU A 247 23.17 -6.78 3.80
N VAL A 248 22.00 -6.72 3.16
CA VAL A 248 21.46 -5.44 2.72
C VAL A 248 21.19 -4.53 3.92
N ALA A 249 20.66 -5.08 5.01
CA ALA A 249 20.44 -4.29 6.22
C ALA A 249 21.72 -3.60 6.66
N TYR A 250 22.84 -4.31 6.64
CA TYR A 250 24.13 -3.74 7.01
C TYR A 250 24.55 -2.64 6.05
N LEU A 251 24.40 -2.88 4.74
CA LEU A 251 24.77 -1.87 3.74
C LEU A 251 23.96 -0.59 3.92
N MET A 252 22.70 -0.70 4.33
CA MET A 252 21.89 0.50 4.56
C MET A 252 22.34 1.23 5.81
N GLY A 253 22.74 0.51 6.85
CA GLY A 253 23.31 1.17 8.02
C GLY A 253 24.54 2.01 7.67
N ARG A 254 25.42 1.48 6.82
CA ARG A 254 26.56 2.27 6.34
CA ARG A 254 26.55 2.27 6.36
C ARG A 254 26.08 3.48 5.55
N ARG A 255 25.12 3.27 4.64
CA ARG A 255 24.75 4.32 3.70
C ARG A 255 24.03 5.49 4.38
N ILE A 256 23.15 5.22 5.35
CA ILE A 256 22.38 6.30 5.96
C ILE A 256 23.31 7.32 6.62
N VAL A 257 24.47 6.87 7.12
CA VAL A 257 25.44 7.79 7.69
C VAL A 257 26.02 8.71 6.62
N GLU A 258 26.35 8.15 5.46
CA GLU A 258 26.85 8.97 4.36
C GLU A 258 25.76 9.92 3.86
N MET A 259 24.51 9.45 3.84
CA MET A 259 23.40 10.29 3.43
C MET A 259 23.25 11.49 4.36
N VAL A 260 23.59 11.32 5.64
CA VAL A 260 23.56 12.46 6.55
C VAL A 260 24.64 13.47 6.17
N HIS A 261 25.86 12.99 5.88
CA HIS A 261 26.92 13.91 5.47
C HIS A 261 26.59 14.60 4.15
N GLU A 262 25.92 13.89 3.23
CA GLU A 262 25.52 14.48 1.96
C GLU A 262 24.22 15.29 2.07
N ASP A 263 23.51 15.18 3.19
CA ASP A 263 22.18 15.76 3.36
C ASP A 263 21.25 15.34 2.22
N LEU A 264 21.24 14.04 1.91
CA LEU A 264 20.34 13.50 0.90
C LEU A 264 19.01 13.18 1.56
N LYS A 265 18.01 14.00 1.29
CA LYS A 265 16.75 14.07 2.01
C LYS A 265 15.62 13.44 1.21
N PRO A 266 14.54 13.04 1.87
CA PRO A 266 13.36 12.56 1.13
C PRO A 266 12.88 13.53 0.06
N SER A 267 12.95 14.84 0.32
CA SER A 267 12.48 15.79 -0.68
C SER A 267 13.37 15.82 -1.91
N ASP A 268 14.67 15.49 -1.75
CA ASP A 268 15.56 15.36 -2.90
C ASP A 268 15.22 14.14 -3.75
N ILE A 269 14.63 13.12 -3.16
CA ILE A 269 14.44 11.85 -3.85
C ILE A 269 13.01 11.68 -4.35
N LEU A 270 12.03 12.05 -3.52
CA LEU A 270 10.61 11.87 -3.83
C LEU A 270 10.14 13.05 -4.69
N THR A 271 10.62 13.06 -5.93
CA THR A 271 10.21 14.05 -6.92
C THR A 271 9.07 13.50 -7.75
N LYS A 272 8.43 14.38 -8.51
CA LYS A 272 7.36 13.98 -9.41
C LYS A 272 7.80 12.82 -10.29
N GLU A 273 9.04 12.84 -10.77
CA GLU A 273 9.45 11.78 -11.71
C GLU A 273 9.70 10.47 -10.99
N ALA A 274 10.03 10.51 -9.70
CA ALA A 274 10.07 9.29 -8.89
C ALA A 274 8.67 8.70 -8.76
N PHE A 275 7.67 9.52 -8.51
CA PHE A 275 6.29 9.02 -8.43
C PHE A 275 5.84 8.46 -9.78
N ILE A 276 6.30 9.06 -10.89
CA ILE A 276 5.96 8.51 -12.20
C ILE A 276 6.62 7.15 -12.41
N ASN A 277 7.89 7.02 -12.03
CA ASN A 277 8.55 5.71 -12.10
C ASN A 277 7.79 4.67 -11.31
N ALA A 278 7.29 5.05 -10.12
CA ALA A 278 6.58 4.09 -9.27
C ALA A 278 5.22 3.71 -9.86
N ILE A 279 4.52 4.68 -10.45
CA ILE A 279 3.23 4.37 -11.08
C ILE A 279 3.43 3.32 -12.17
N ARG A 280 4.50 3.45 -12.95
CA ARG A 280 4.71 2.54 -14.07
C ARG A 280 5.23 1.18 -13.60
N VAL A 281 6.08 1.17 -12.58
CA VAL A 281 6.50 -0.10 -11.98
C VAL A 281 5.31 -0.80 -11.35
N ASN A 282 4.41 -0.02 -10.74
CA ASN A 282 3.21 -0.62 -10.14
C ASN A 282 2.42 -1.42 -11.17
N SER A 283 2.23 -0.86 -12.37
CA SER A 283 1.47 -1.56 -13.39
C SER A 283 2.21 -2.81 -13.85
N ALA A 284 3.53 -2.70 -14.00
CA ALA A 284 4.33 -3.80 -14.52
C ALA A 284 4.38 -4.98 -13.55
N ILE A 285 4.30 -4.72 -12.23
CA ILE A 285 4.34 -5.79 -11.24
C ILE A 285 2.95 -6.27 -10.83
N GLY A 286 1.89 -5.60 -11.28
CA GLY A 286 0.55 -5.99 -10.89
C GLY A 286 0.16 -5.44 -9.53
N GLY A 287 0.52 -4.19 -9.26
CA GLY A 287 0.40 -3.64 -7.93
C GLY A 287 -1.04 -3.54 -7.44
N SER A 288 -1.15 -3.46 -6.11
CA SER A 288 -2.44 -3.42 -5.43
C SER A 288 -3.16 -2.10 -5.69
N THR A 289 -4.50 -2.16 -5.64
CA THR A 289 -5.31 -0.95 -5.73
C THR A 289 -5.14 -0.02 -4.54
N ASN A 290 -4.35 -0.41 -3.54
CA ASN A 290 -4.07 0.49 -2.43
C ASN A 290 -2.87 1.39 -2.70
N ALA A 291 -2.07 1.06 -3.70
CA ALA A 291 -0.90 1.89 -4.02
C ALA A 291 -1.27 3.34 -4.32
N PRO A 292 -2.32 3.66 -5.09
CA PRO A 292 -2.63 5.08 -5.32
C PRO A 292 -3.00 5.84 -4.05
N ILE A 293 -3.66 5.17 -3.11
CA ILE A 293 -4.03 5.83 -1.85
C ILE A 293 -2.77 6.24 -1.10
N HIS A 294 -1.81 5.32 -0.97
CA HIS A 294 -0.64 5.56 -0.15
C HIS A 294 0.36 6.49 -0.83
N LEU A 295 0.52 6.37 -2.15
CA LEU A 295 1.47 7.25 -2.83
C LEU A 295 0.91 8.65 -3.04
N ASN A 296 -0.41 8.80 -3.24
CA ASN A 296 -1.00 10.14 -3.22
C ASN A 296 -0.83 10.78 -1.85
N ALA A 297 -0.98 9.98 -0.79
CA ALA A 297 -0.69 10.46 0.56
C ALA A 297 0.75 10.94 0.66
N LEU A 298 1.70 10.10 0.24
CA LEU A 298 3.11 10.45 0.33
C LEU A 298 3.42 11.71 -0.49
N ALA A 299 2.89 11.77 -1.72
CA ALA A 299 3.10 12.95 -2.56
C ALA A 299 2.68 14.23 -1.84
N ARG A 300 1.48 14.23 -1.26
CA ARG A 300 1.02 15.42 -0.55
C ARG A 300 1.91 15.76 0.64
N HIS A 301 2.39 14.74 1.35
CA HIS A 301 3.20 15.03 2.53
C HIS A 301 4.60 15.52 2.18
N ILE A 302 5.11 15.22 0.97
CA ILE A 302 6.39 15.75 0.52
C ILE A 302 6.22 17.03 -0.31
N GLY A 303 5.00 17.39 -0.67
CA GLY A 303 4.76 18.61 -1.41
C GLY A 303 4.81 18.46 -2.91
N VAL A 304 4.53 17.26 -3.43
CA VAL A 304 4.46 17.01 -4.87
C VAL A 304 3.00 16.76 -5.21
N GLU A 305 2.59 17.23 -6.39
CA GLU A 305 1.22 17.02 -6.84
C GLU A 305 1.08 15.65 -7.50
N LEU A 306 0.09 14.89 -7.07
CA LEU A 306 -0.18 13.57 -7.63
C LEU A 306 -1.64 13.22 -7.40
N THR A 307 -2.38 12.98 -8.48
CA THR A 307 -3.80 12.70 -8.41
C THR A 307 -4.08 11.30 -8.93
N VAL A 308 -5.30 10.81 -8.64
CA VAL A 308 -5.73 9.54 -9.23
C VAL A 308 -5.65 9.58 -10.74
N ASP A 309 -5.88 10.75 -11.35
CA ASP A 309 -5.80 10.84 -12.80
C ASP A 309 -4.37 10.61 -13.30
N ASP A 310 -3.37 10.99 -12.51
CA ASP A 310 -1.99 10.69 -12.88
C ASP A 310 -1.74 9.20 -12.98
N TRP A 311 -2.44 8.40 -12.15
CA TRP A 311 -2.25 6.96 -12.20
C TRP A 311 -2.72 6.39 -13.52
N GLN A 312 -3.83 6.89 -14.06
CA GLN A 312 -4.29 6.47 -15.38
C GLN A 312 -3.38 7.02 -16.47
N LYS A 313 -3.04 8.31 -16.35
CA LYS A 313 -2.27 8.99 -17.38
C LYS A 313 -0.91 8.34 -17.59
N TYR A 314 -0.20 8.05 -16.50
CA TYR A 314 1.14 7.48 -16.60
C TYR A 314 1.17 5.95 -16.57
N GLY A 315 0.12 5.28 -16.11
CA GLY A 315 0.25 3.86 -15.83
C GLY A 315 -0.75 2.92 -16.49
N GLU A 316 -1.89 3.43 -16.94
CA GLU A 316 -2.95 2.56 -17.45
C GLU A 316 -2.45 1.62 -18.55
N GLU A 317 -1.69 2.16 -19.51
CA GLU A 317 -1.34 1.39 -20.70
C GLU A 317 -0.07 0.55 -20.54
N ILE A 318 0.54 0.56 -19.35
CA ILE A 318 1.73 -0.27 -19.10
C ILE A 318 1.31 -1.74 -19.00
N PRO A 319 2.03 -2.65 -19.63
CA PRO A 319 1.67 -4.08 -19.54
C PRO A 319 2.11 -4.70 -18.23
N LEU A 320 1.50 -5.85 -17.92
CA LEU A 320 1.83 -6.64 -16.73
C LEU A 320 2.98 -7.60 -17.07
N LEU A 321 4.07 -7.51 -16.31
CA LEU A 321 5.26 -8.31 -16.56
C LEU A 321 5.54 -9.37 -15.50
N VAL A 322 5.09 -9.17 -14.27
CA VAL A 322 5.43 -10.09 -13.19
C VAL A 322 4.35 -11.16 -13.06
N ASN A 323 4.76 -12.42 -13.23
CA ASN A 323 3.86 -13.57 -13.18
C ASN A 323 3.75 -14.09 -11.74
N LEU A 324 3.16 -13.27 -10.89
CA LEU A 324 2.97 -13.62 -9.49
C LEU A 324 1.48 -13.73 -9.16
N GLN A 325 1.18 -14.67 -8.26
CA GLN A 325 -0.16 -14.73 -7.67
C GLN A 325 -0.47 -13.40 -7.00
N PRO A 326 -1.73 -12.93 -7.03
CA PRO A 326 -2.92 -13.62 -7.54
C PRO A 326 -3.10 -13.59 -9.07
N ALA A 327 -2.55 -12.59 -9.75
CA ALA A 327 -2.67 -12.55 -11.21
C ALA A 327 -2.04 -13.77 -11.85
N GLY A 328 -0.87 -14.18 -11.37
CA GLY A 328 -0.16 -15.27 -12.01
C GLY A 328 0.09 -16.49 -11.14
N GLU A 329 1.27 -17.09 -11.29
CA GLU A 329 1.55 -18.41 -10.75
C GLU A 329 2.56 -18.43 -9.62
N TYR A 330 3.51 -17.49 -9.59
CA TYR A 330 4.66 -17.63 -8.73
C TYR A 330 4.52 -16.76 -7.49
N LEU A 331 5.56 -16.75 -6.66
CA LEU A 331 5.50 -16.14 -5.33
C LEU A 331 6.77 -15.31 -5.11
N GLY A 332 6.92 -14.78 -3.88
CA GLY A 332 7.96 -13.79 -3.62
C GLY A 332 9.38 -14.28 -3.87
N GLU A 333 9.68 -15.52 -3.45
CA GLU A 333 11.03 -16.07 -3.69
C GLU A 333 11.35 -16.08 -5.18
N ASP A 334 10.38 -16.44 -6.01
CA ASP A 334 10.60 -16.50 -7.44
C ASP A 334 10.79 -15.11 -8.02
N TYR A 335 10.03 -14.14 -7.53
CA TYR A 335 10.20 -12.74 -7.90
C TYR A 335 11.62 -12.27 -7.64
N TYR A 336 12.19 -12.66 -6.49
CA TYR A 336 13.55 -12.28 -6.16
C TYR A 336 14.57 -12.95 -7.08
N HIS A 337 14.46 -14.27 -7.25
CA HIS A 337 15.38 -14.99 -8.12
C HIS A 337 15.33 -14.48 -9.55
N ALA A 338 14.15 -14.04 -10.01
CA ALA A 338 13.99 -13.56 -11.37
C ALA A 338 14.64 -12.20 -11.61
N GLY A 339 14.93 -11.43 -10.55
CA GLY A 339 15.56 -10.15 -10.73
C GLY A 339 14.89 -8.99 -9.98
N GLY A 340 13.68 -9.21 -9.45
CA GLY A 340 13.01 -8.23 -8.61
C GLY A 340 12.73 -6.91 -9.31
N VAL A 341 12.67 -5.84 -8.51
CA VAL A 341 12.40 -4.50 -9.06
C VAL A 341 13.40 -4.08 -10.14
N PRO A 342 14.72 -4.23 -9.93
CA PRO A 342 15.64 -3.75 -10.99
C PRO A 342 15.37 -4.37 -12.35
N ALA A 343 15.02 -5.66 -12.40
CA ALA A 343 14.73 -6.30 -13.68
C ALA A 343 13.47 -5.71 -14.32
N VAL A 344 12.48 -5.35 -13.50
CA VAL A 344 11.27 -4.73 -14.01
C VAL A 344 11.58 -3.33 -14.55
N VAL A 345 12.31 -2.54 -13.77
CA VAL A 345 12.70 -1.20 -14.19
C VAL A 345 13.48 -1.26 -15.50
N ASN A 346 14.36 -2.25 -15.63
CA ASN A 346 15.19 -2.38 -16.83
C ASN A 346 14.33 -2.65 -18.05
N GLN A 347 13.26 -3.45 -17.91
CA GLN A 347 12.35 -3.65 -19.02
C GLN A 347 11.67 -2.35 -19.43
N LEU A 348 11.27 -1.55 -18.44
CA LEU A 348 10.62 -0.27 -18.75
C LEU A 348 11.62 0.72 -19.34
N MET A 349 12.88 0.68 -18.89
CA MET A 349 13.93 1.52 -19.46
C MET A 349 14.11 1.23 -20.95
N GLY A 350 14.00 -0.05 -21.34
CA GLY A 350 14.15 -0.41 -22.75
C GLY A 350 13.11 0.22 -23.64
N GLN A 351 11.98 0.65 -23.07
CA GLN A 351 10.96 1.37 -23.83
C GLN A 351 11.03 2.87 -23.59
N GLY A 352 12.05 3.34 -22.88
CA GLY A 352 12.13 4.75 -22.54
C GLY A 352 11.04 5.22 -21.61
N LEU A 353 10.49 4.32 -20.78
CA LEU A 353 9.37 4.66 -19.91
C LEU A 353 9.79 4.87 -18.46
N ILE A 354 11.09 4.95 -18.20
CA ILE A 354 11.61 5.27 -16.87
C ILE A 354 12.29 6.63 -16.96
N HIS A 355 12.04 7.48 -15.96
CA HIS A 355 12.81 8.71 -15.76
C HIS A 355 14.14 8.32 -15.12
N GLU A 356 15.14 8.07 -15.97
CA GLU A 356 16.34 7.36 -15.54
C GLU A 356 17.26 8.20 -14.66
N ASP A 357 17.10 9.52 -14.63
CA ASP A 357 18.00 10.40 -13.89
C ASP A 357 17.50 10.71 -12.48
N ALA A 358 16.40 10.10 -12.05
CA ALA A 358 15.93 10.27 -10.67
C ALA A 358 16.93 9.68 -9.68
N ILE A 359 17.46 10.53 -8.79
CA ILE A 359 18.44 10.09 -7.81
C ILE A 359 17.77 9.21 -6.75
N THR A 360 18.52 8.25 -6.21
CA THR A 360 18.01 7.33 -5.19
C THR A 360 18.92 7.38 -3.96
N VAL A 361 18.51 6.67 -2.89
CA VAL A 361 19.21 6.79 -1.61
C VAL A 361 20.67 6.38 -1.71
N ASN A 362 21.03 5.46 -2.61
CA ASN A 362 22.43 5.03 -2.66
C ASN A 362 23.33 6.04 -3.35
N GLY A 363 22.78 7.18 -3.79
CA GLY A 363 23.57 8.23 -4.42
C GLY A 363 23.65 8.15 -5.92
N LYS A 364 23.09 7.11 -6.52
CA LYS A 364 23.06 6.95 -7.97
C LYS A 364 21.62 7.05 -8.46
N THR A 365 21.48 7.27 -9.76
CA THR A 365 20.16 7.35 -10.34
C THR A 365 19.59 5.95 -10.49
N ILE A 366 18.25 5.89 -10.57
CA ILE A 366 17.60 4.60 -10.78
C ILE A 366 18.05 3.99 -12.10
N GLY A 367 18.34 4.84 -13.10
CA GLY A 367 18.82 4.33 -14.36
C GLY A 367 20.19 3.67 -14.26
N GLU A 368 21.10 4.27 -13.48
CA GLU A 368 22.40 3.64 -13.31
CA GLU A 368 22.41 3.66 -13.28
C GLU A 368 22.29 2.36 -12.50
N ASN A 369 21.41 2.33 -11.50
CA ASN A 369 21.26 1.12 -10.68
C ASN A 369 20.65 -0.04 -11.46
N CYS A 370 19.85 0.22 -12.48
CA CYS A 370 19.10 -0.85 -13.12
C CYS A 370 19.52 -1.14 -14.55
N LYS A 371 20.52 -0.42 -15.09
CA LYS A 371 20.82 -0.54 -16.51
C LYS A 371 21.32 -1.93 -16.89
N ASN A 372 21.93 -2.67 -15.96
CA ASN A 372 22.42 -4.00 -16.26
C ASN A 372 21.59 -5.10 -15.62
N ALA A 373 20.45 -4.76 -15.04
CA ALA A 373 19.59 -5.77 -14.42
C ALA A 373 18.90 -6.60 -15.50
N THR A 374 19.11 -7.91 -15.47
CA THR A 374 18.52 -8.83 -16.43
C THR A 374 17.41 -9.63 -15.78
N ILE A 375 16.49 -10.12 -16.61
CA ILE A 375 15.54 -11.13 -16.16
C ILE A 375 16.28 -12.45 -16.00
N GLU A 376 16.27 -12.99 -14.78
CA GLU A 376 16.99 -14.23 -14.50
C GLU A 376 16.11 -15.46 -14.57
N ASP A 377 14.79 -15.29 -14.60
CA ASP A 377 13.85 -16.40 -14.80
C ASP A 377 12.72 -15.87 -15.65
N GLY A 378 12.66 -16.30 -16.91
CA GLY A 378 11.67 -15.82 -17.85
C GLY A 378 10.26 -16.33 -17.61
N ASN A 379 10.08 -17.33 -16.74
CA ASN A 379 8.74 -17.75 -16.36
C ASN A 379 8.08 -16.75 -15.40
N VAL A 380 8.88 -16.01 -14.65
CA VAL A 380 8.40 -15.20 -13.55
C VAL A 380 8.27 -13.73 -13.95
N ILE A 381 9.21 -13.23 -14.76
CA ILE A 381 9.17 -11.85 -15.24
C ILE A 381 9.25 -11.90 -16.76
N LYS A 382 8.25 -11.31 -17.41
CA LYS A 382 8.16 -11.31 -18.87
C LYS A 382 8.77 -10.05 -19.45
N THR A 383 9.26 -10.16 -20.69
CA THR A 383 9.76 -8.97 -21.37
C THR A 383 8.61 -8.05 -21.75
N TYR A 384 8.93 -6.78 -21.94
CA TYR A 384 7.90 -5.79 -22.27
C TYR A 384 7.16 -6.17 -23.54
N ASP A 385 7.87 -6.67 -24.55
CA ASP A 385 7.26 -6.93 -25.86
C ASP A 385 6.43 -8.20 -25.88
N GLN A 386 6.74 -9.19 -25.04
CA GLN A 386 5.92 -10.39 -24.90
C GLN A 386 5.43 -10.45 -23.45
N PRO A 387 4.55 -9.53 -23.06
CA PRO A 387 4.18 -9.39 -21.66
C PRO A 387 3.19 -10.47 -21.24
N LEU A 388 2.90 -10.50 -19.94
CA LEU A 388 1.89 -11.41 -19.43
C LEU A 388 0.48 -10.94 -19.80
N LYS A 389 0.23 -9.64 -19.69
CA LYS A 389 -1.01 -9.03 -20.15
C LYS A 389 -0.73 -7.58 -20.50
N LYS A 390 -1.50 -7.04 -21.44
CA LYS A 390 -1.37 -5.64 -21.86
C LYS A 390 -2.38 -4.77 -21.11
N HIS A 391 -2.13 -3.46 -21.14
CA HIS A 391 -3.10 -2.51 -20.62
CA HIS A 391 -3.07 -2.47 -20.61
C HIS A 391 -3.49 -2.83 -19.18
N ALA A 392 -2.48 -2.97 -18.32
CA ALA A 392 -2.65 -3.56 -17.00
C ALA A 392 -2.72 -2.55 -15.86
N GLY A 393 -2.78 -1.25 -16.15
CA GLY A 393 -2.80 -0.24 -15.10
C GLY A 393 -4.18 -0.02 -14.52
N PHE A 394 -4.43 1.20 -14.07
CA PHE A 394 -5.71 1.59 -13.48
C PHE A 394 -6.48 2.49 -14.42
N ARG A 395 -7.80 2.31 -14.47
CA ARG A 395 -8.70 3.27 -15.09
C ARG A 395 -9.49 3.99 -14.00
N VAL A 396 -9.66 5.30 -14.15
CA VAL A 396 -10.46 6.11 -13.24
C VAL A 396 -11.87 6.24 -13.81
N LEU A 397 -12.87 5.92 -13.00
CA LEU A 397 -14.26 6.03 -13.38
C LEU A 397 -14.91 7.18 -12.61
N ARG A 398 -15.68 7.99 -13.32
CA ARG A 398 -16.38 9.15 -12.76
C ARG A 398 -17.85 9.05 -13.17
N GLY A 399 -18.68 9.87 -12.54
CA GLY A 399 -20.10 9.85 -12.83
C GLY A 399 -20.89 10.21 -11.60
N ASN A 400 -22.19 9.91 -11.64
CA ASN A 400 -23.07 10.26 -10.52
C ASN A 400 -22.90 9.32 -9.33
N LEU A 401 -22.24 8.18 -9.51
CA LEU A 401 -21.97 7.29 -8.38
C LEU A 401 -20.84 7.81 -7.49
N PHE A 402 -19.86 8.51 -8.05
CA PHE A 402 -18.72 8.97 -7.28
C PHE A 402 -17.84 9.88 -8.15
N SER A 403 -17.11 10.78 -7.49
CA SER A 403 -16.20 11.66 -8.21
C SER A 403 -14.98 10.91 -8.73
N SER A 404 -14.56 9.83 -8.07
CA SER A 404 -13.50 9.00 -8.65
C SER A 404 -13.57 7.60 -8.04
N ALA A 405 -13.14 6.63 -8.84
CA ALA A 405 -12.88 5.26 -8.40
C ALA A 405 -11.98 4.62 -9.43
N ILE A 406 -11.30 3.54 -9.03
CA ILE A 406 -10.32 2.92 -9.92
C ILE A 406 -10.64 1.44 -10.07
N MET A 407 -10.19 0.87 -11.20
CA MET A 407 -10.44 -0.52 -11.54
C MET A 407 -9.13 -1.23 -11.84
N LYS A 408 -8.95 -2.40 -11.23
CA LYS A 408 -7.72 -3.18 -11.30
C LYS A 408 -7.72 -4.02 -12.59
N LEU A 409 -7.13 -3.45 -13.64
CA LEU A 409 -7.19 -4.07 -14.97
C LEU A 409 -6.30 -5.31 -15.09
N SER A 410 -5.35 -5.51 -14.17
CA SER A 410 -4.39 -6.60 -14.31
C SER A 410 -4.94 -7.96 -13.92
N VAL A 411 -6.08 -8.02 -13.21
CA VAL A 411 -6.64 -9.30 -12.78
C VAL A 411 -7.96 -9.60 -13.47
N ILE A 412 -8.31 -8.87 -14.53
CA ILE A 412 -9.49 -9.23 -15.33
C ILE A 412 -9.22 -10.55 -16.02
N SER A 413 -10.02 -11.57 -15.69
CA SER A 413 -9.86 -12.88 -16.30
C SER A 413 -10.52 -12.93 -17.67
N ASP A 414 -10.33 -14.05 -18.38
CA ASP A 414 -11.01 -14.24 -19.65
C ASP A 414 -12.49 -14.54 -19.44
N GLU A 415 -12.85 -15.17 -18.33
CA GLU A 415 -14.27 -15.32 -18.00
C GLU A 415 -14.94 -13.95 -17.83
N PHE A 416 -14.29 -13.06 -17.07
CA PHE A 416 -14.81 -11.70 -16.92
C PHE A 416 -14.78 -10.95 -18.24
N ARG A 417 -13.69 -11.10 -19.00
CA ARG A 417 -13.57 -10.39 -20.27
C ARG A 417 -14.59 -10.89 -21.28
N ASN A 418 -14.66 -12.22 -21.46
CA ASN A 418 -15.58 -12.76 -22.47
C ASN A 418 -17.03 -12.51 -22.09
N ARG A 419 -17.36 -12.59 -20.81
CA ARG A 419 -18.74 -12.38 -20.39
C ARG A 419 -19.14 -10.91 -20.51
N TYR A 420 -18.44 -10.03 -19.80
CA TYR A 420 -18.88 -8.65 -19.64
C TYR A 420 -18.36 -7.72 -20.74
N LEU A 421 -17.08 -7.83 -21.09
CA LEU A 421 -16.46 -6.89 -22.03
C LEU A 421 -16.55 -7.36 -23.48
N SER A 422 -17.59 -8.10 -23.85
CA SER A 422 -17.72 -8.64 -25.20
C SER A 422 -19.18 -8.50 -25.67
N ASP A 423 -19.54 -7.28 -26.04
CA ASP A 423 -20.86 -7.00 -26.61
C ASP A 423 -20.70 -5.99 -27.73
N ALA A 424 -21.34 -6.28 -28.87
CA ALA A 424 -21.23 -5.38 -30.02
C ALA A 424 -22.11 -4.14 -29.87
N LYS A 425 -23.22 -4.24 -29.13
CA LYS A 425 -24.06 -3.08 -28.92
C LYS A 425 -23.33 -2.00 -28.13
N ASP A 426 -22.58 -2.39 -27.10
CA ASP A 426 -21.76 -1.46 -26.33
C ASP A 426 -20.46 -2.16 -25.93
N PRO A 427 -19.42 -2.03 -26.74
CA PRO A 427 -18.14 -2.68 -26.40
C PRO A 427 -17.49 -2.06 -25.16
N ASN A 428 -16.74 -2.89 -24.45
CA ASN A 428 -16.02 -2.51 -23.24
C ASN A 428 -16.93 -1.78 -22.26
N ALA A 429 -18.13 -2.34 -22.07
CA ALA A 429 -19.15 -1.74 -21.23
C ALA A 429 -20.23 -2.78 -20.94
N PHE A 430 -20.88 -2.64 -19.78
CA PHE A 430 -21.97 -3.52 -19.42
C PHE A 430 -23.00 -2.76 -18.60
N GLU A 431 -24.21 -3.35 -18.52
CA GLU A 431 -25.29 -2.87 -17.66
C GLU A 431 -25.89 -4.05 -16.92
N GLY A 432 -26.43 -3.78 -15.74
CA GLY A 432 -27.02 -4.84 -14.94
C GLY A 432 -27.77 -4.28 -13.75
N LYS A 433 -28.31 -5.20 -12.95
CA LYS A 433 -29.05 -4.85 -11.75
C LYS A 433 -28.10 -4.64 -10.58
N ALA A 434 -28.43 -3.69 -9.72
CA ALA A 434 -27.58 -3.33 -8.59
C ALA A 434 -28.14 -3.94 -7.30
N VAL A 435 -27.27 -4.60 -6.54
CA VAL A 435 -27.59 -5.10 -5.21
C VAL A 435 -26.63 -4.43 -4.24
N VAL A 436 -27.19 -3.69 -3.28
CA VAL A 436 -26.39 -2.85 -2.38
C VAL A 436 -26.39 -3.48 -1.00
N PHE A 437 -25.20 -3.56 -0.41
CA PHE A 437 -25.02 -3.96 0.98
C PHE A 437 -24.41 -2.80 1.74
N ASP A 438 -24.88 -2.58 2.98
CA ASP A 438 -24.39 -1.49 3.82
C ASP A 438 -23.39 -2.06 4.83
N GLY A 439 -22.18 -2.31 4.35
CA GLY A 439 -21.13 -2.85 5.19
C GLY A 439 -20.88 -4.33 4.94
N PRO A 440 -19.76 -4.84 5.45
CA PRO A 440 -19.47 -6.27 5.28
C PRO A 440 -20.43 -7.18 6.01
N GLU A 441 -20.99 -6.74 7.15
CA GLU A 441 -21.93 -7.57 7.88
C GLU A 441 -23.23 -7.76 7.10
N ASP A 442 -23.73 -6.69 6.50
CA ASP A 442 -24.93 -6.78 5.67
C ASP A 442 -24.73 -7.74 4.50
N TYR A 443 -23.55 -7.67 3.87
CA TYR A 443 -23.26 -8.55 2.74
C TYR A 443 -23.21 -10.01 3.17
N HIS A 444 -22.49 -10.30 4.25
CA HIS A 444 -22.37 -11.68 4.71
C HIS A 444 -23.69 -12.28 5.15
N HIS A 445 -24.74 -11.48 5.31
CA HIS A 445 -26.05 -11.98 5.68
C HIS A 445 -27.03 -12.03 4.53
N ARG A 446 -26.69 -11.47 3.36
CA ARG A 446 -27.61 -11.41 2.23
C ARG A 446 -27.08 -12.05 0.95
N ILE A 447 -25.78 -12.36 0.86
CA ILE A 447 -25.20 -12.79 -0.40
C ILE A 447 -25.80 -14.11 -0.85
N ASP A 448 -25.87 -15.09 0.05
CA ASP A 448 -26.40 -16.40 -0.29
C ASP A 448 -27.92 -16.46 -0.25
N ASP A 449 -28.58 -15.40 0.20
CA ASP A 449 -30.03 -15.35 0.29
C ASP A 449 -30.64 -15.55 -1.09
N PRO A 450 -31.36 -16.66 -1.31
CA PRO A 450 -31.93 -16.92 -2.65
C PRO A 450 -32.96 -15.88 -3.09
N ALA A 451 -33.57 -15.15 -2.16
CA ALA A 451 -34.56 -14.14 -2.52
C ALA A 451 -33.96 -13.02 -3.36
N LEU A 452 -32.64 -12.85 -3.33
CA LEU A 452 -31.99 -11.77 -4.06
C LEU A 452 -31.99 -12.02 -5.57
N GLU A 453 -32.01 -13.27 -5.99
CA GLU A 453 -32.01 -13.65 -7.40
C GLU A 453 -30.86 -12.99 -8.15
N ILE A 454 -29.64 -13.34 -7.74
CA ILE A 454 -28.42 -12.79 -8.31
C ILE A 454 -28.00 -13.66 -9.49
N ASP A 455 -27.95 -13.06 -10.68
CA ASP A 455 -27.67 -13.80 -11.90
C ASP A 455 -26.43 -13.26 -12.62
N GLU A 456 -26.35 -13.47 -13.93
CA GLU A 456 -25.21 -13.01 -14.72
C GLU A 456 -25.28 -11.52 -15.07
N HIS A 457 -26.38 -10.84 -14.72
CA HIS A 457 -26.52 -9.42 -15.02
C HIS A 457 -26.69 -8.61 -13.73
N THR A 458 -25.81 -8.84 -12.75
CA THR A 458 -25.89 -8.22 -11.43
C THR A 458 -24.54 -7.62 -11.07
N VAL A 459 -24.55 -6.39 -10.58
CA VAL A 459 -23.35 -5.69 -10.12
C VAL A 459 -23.54 -5.39 -8.63
N LEU A 460 -22.76 -6.07 -7.79
CA LEU A 460 -22.90 -5.92 -6.34
C LEU A 460 -22.16 -4.68 -5.84
N PHE A 461 -22.80 -3.96 -4.92
CA PHE A 461 -22.26 -2.73 -4.36
C PHE A 461 -22.01 -2.88 -2.87
N MET A 462 -20.96 -2.21 -2.39
CA MET A 462 -20.57 -2.21 -0.98
C MET A 462 -20.33 -0.76 -0.57
N ARG A 463 -21.22 -0.20 0.24
CA ARG A 463 -21.12 1.19 0.65
C ARG A 463 -21.01 1.28 2.16
N GLY A 464 -20.62 2.48 2.64
CA GLY A 464 -20.37 2.71 4.03
C GLY A 464 -19.03 2.21 4.55
N ALA A 465 -18.11 1.87 3.65
CA ALA A 465 -16.85 1.25 4.04
C ALA A 465 -15.64 2.15 3.82
N GLY A 466 -15.84 3.46 3.74
CA GLY A 466 -14.76 4.39 3.47
C GLY A 466 -14.09 4.88 4.73
N PRO A 467 -13.16 5.82 4.57
CA PRO A 467 -12.37 6.31 5.73
C PRO A 467 -13.23 6.79 6.89
N ILE A 468 -14.33 7.49 6.63
CA ILE A 468 -15.20 7.96 7.70
C ILE A 468 -16.23 6.91 8.09
N GLY A 469 -16.78 6.20 7.11
CA GLY A 469 -17.90 5.31 7.39
C GLY A 469 -17.54 4.10 8.24
N TYR A 470 -16.41 3.45 7.94
CA TYR A 470 -16.16 2.13 8.53
C TYR A 470 -15.90 2.19 10.03
N PRO A 471 -14.99 3.05 10.55
CA PRO A 471 -13.96 3.87 9.91
C PRO A 471 -12.75 2.98 9.62
N GLY A 472 -12.14 3.15 8.46
CA GLY A 472 -11.11 2.22 8.04
C GLY A 472 -9.99 2.86 7.23
N ALA A 473 -10.05 2.71 5.91
CA ALA A 473 -11.09 1.94 5.25
C ALA A 473 -10.74 0.47 5.24
N ALA A 474 -11.74 -0.37 4.96
CA ALA A 474 -11.60 -1.82 5.09
C ALA A 474 -11.61 -2.48 3.72
N GLU A 475 -10.98 -3.65 3.66
CA GLU A 475 -10.84 -4.43 2.43
C GLU A 475 -12.03 -5.38 2.34
N VAL A 476 -13.13 -4.88 1.79
CA VAL A 476 -14.41 -5.57 1.88
C VAL A 476 -15.13 -5.60 0.53
N VAL A 477 -14.49 -5.09 -0.52
CA VAL A 477 -15.17 -4.98 -1.81
C VAL A 477 -15.08 -6.27 -2.64
N ASN A 478 -13.99 -7.02 -2.53
CA ASN A 478 -13.87 -8.25 -3.30
C ASN A 478 -14.89 -9.29 -2.82
N MET A 479 -16.17 -9.02 -3.04
CA MET A 479 -17.23 -9.91 -2.61
C MET A 479 -17.27 -11.17 -3.49
N ARG A 480 -17.61 -12.29 -2.88
CA ARG A 480 -17.79 -13.52 -3.64
C ARG A 480 -19.23 -13.65 -4.09
N ALA A 481 -19.42 -14.36 -5.21
CA ALA A 481 -20.75 -14.62 -5.73
C ALA A 481 -21.52 -15.55 -4.79
N PRO A 482 -22.85 -15.56 -4.87
CA PRO A 482 -23.63 -16.52 -4.07
C PRO A 482 -23.26 -17.95 -4.41
N ASP A 483 -23.57 -18.85 -3.48
CA ASP A 483 -23.19 -20.25 -3.65
C ASP A 483 -24.03 -20.97 -4.69
N TYR A 484 -25.24 -20.47 -4.99
CA TYR A 484 -26.02 -21.06 -6.08
C TYR A 484 -25.52 -20.62 -7.45
N LEU A 485 -24.73 -19.55 -7.51
CA LEU A 485 -24.02 -19.17 -8.72
C LEU A 485 -22.65 -19.82 -8.82
N LEU A 486 -21.98 -20.05 -7.69
CA LEU A 486 -20.68 -20.71 -7.72
C LEU A 486 -20.81 -22.20 -8.00
N LYS A 487 -21.96 -22.79 -7.67
CA LYS A 487 -22.19 -24.20 -8.00
C LYS A 487 -22.52 -24.38 -9.48
N LYS A 488 -23.06 -23.36 -10.13
CA LYS A 488 -23.35 -23.45 -11.57
C LYS A 488 -22.09 -23.16 -12.39
N GLY A 489 -21.25 -22.24 -11.94
CA GLY A 489 -19.99 -21.96 -12.62
C GLY A 489 -19.62 -20.49 -12.71
N ILE A 490 -20.42 -19.62 -12.12
CA ILE A 490 -20.18 -18.17 -12.16
C ILE A 490 -19.26 -17.82 -11.01
N THR A 491 -18.00 -17.48 -11.31
CA THR A 491 -17.01 -17.18 -10.29
C THR A 491 -17.01 -15.71 -9.91
N SER A 492 -16.46 -14.86 -10.77
CA SER A 492 -16.30 -13.45 -10.46
C SER A 492 -17.47 -12.63 -11.00
N LEU A 493 -17.89 -11.65 -10.21
CA LEU A 493 -18.97 -10.74 -10.54
C LEU A 493 -18.49 -9.30 -10.37
N PRO A 494 -19.14 -8.35 -11.02
CA PRO A 494 -18.74 -6.94 -10.84
C PRO A 494 -18.92 -6.49 -9.39
N CYS A 495 -17.83 -5.97 -8.82
CA CYS A 495 -17.83 -5.48 -7.44
C CYS A 495 -17.43 -4.01 -7.45
N ILE A 496 -18.27 -3.17 -6.83
CA ILE A 496 -18.08 -1.72 -6.78
C ILE A 496 -18.35 -1.25 -5.36
N GLY A 497 -17.46 -0.41 -4.83
CA GLY A 497 -17.72 0.09 -3.49
C GLY A 497 -16.84 1.25 -3.09
N ASP A 498 -17.19 1.85 -1.95
CA ASP A 498 -16.39 2.91 -1.34
C ASP A 498 -15.40 2.39 -0.31
N GLY A 499 -15.08 1.10 -0.34
CA GLY A 499 -14.02 0.54 0.45
C GLY A 499 -12.83 0.14 -0.41
N ARG A 500 -11.98 -0.70 0.17
CA ARG A 500 -10.80 -1.22 -0.51
C ARG A 500 -10.94 -2.73 -0.71
N GLN A 501 -9.88 -3.34 -1.24
CA GLN A 501 -9.75 -4.78 -1.24
C GLN A 501 -8.30 -5.15 -0.95
N SER A 502 -8.09 -6.42 -0.61
CA SER A 502 -6.73 -6.90 -0.40
C SER A 502 -5.96 -6.89 -1.70
N GLY A 503 -4.67 -6.52 -1.62
CA GLY A 503 -3.84 -6.54 -2.81
C GLY A 503 -3.69 -7.93 -3.40
N THR A 504 -3.77 -8.98 -2.55
CA THR A 504 -3.74 -10.38 -2.97
C THR A 504 -5.01 -10.82 -3.70
N SER A 505 -5.96 -9.92 -3.98
CA SER A 505 -7.22 -10.29 -4.59
C SER A 505 -7.11 -10.29 -6.12
N GLY A 506 -7.62 -11.34 -6.74
CA GLY A 506 -7.73 -11.40 -8.18
C GLY A 506 -9.08 -10.94 -8.69
N SER A 507 -9.74 -10.08 -7.91
CA SER A 507 -11.04 -9.53 -8.31
C SER A 507 -10.84 -8.22 -9.04
N PRO A 508 -11.35 -8.08 -10.27
CA PRO A 508 -11.25 -6.79 -10.99
C PRO A 508 -12.32 -5.81 -10.56
N SER A 509 -12.21 -5.36 -9.30
CA SER A 509 -13.22 -4.55 -8.65
C SER A 509 -13.04 -3.07 -8.96
N ILE A 510 -14.10 -2.30 -8.67
CA ILE A 510 -14.10 -0.84 -8.80
C ILE A 510 -14.07 -0.27 -7.38
N LEU A 511 -12.90 0.23 -6.97
CA LEU A 511 -12.55 0.49 -5.57
C LEU A 511 -12.40 1.97 -5.28
N ASN A 512 -12.24 2.27 -3.99
CA ASN A 512 -11.75 3.56 -3.50
C ASN A 512 -12.67 4.71 -3.89
N ALA A 513 -13.97 4.44 -3.99
CA ALA A 513 -14.93 5.44 -4.45
C ALA A 513 -14.89 6.68 -3.56
N SER A 514 -14.69 7.84 -4.18
CA SER A 514 -14.61 9.11 -3.47
C SER A 514 -15.57 10.09 -4.13
N PRO A 515 -16.37 10.84 -3.35
CA PRO A 515 -16.48 10.74 -1.89
C PRO A 515 -17.21 9.46 -1.47
N GLU A 516 -16.91 8.95 -0.28
CA GLU A 516 -17.62 7.79 0.23
C GLU A 516 -19.07 8.14 0.54
N ALA A 517 -19.88 7.09 0.79
CA ALA A 517 -21.29 7.30 1.11
C ALA A 517 -21.44 8.22 2.32
N ALA A 518 -20.72 7.93 3.40
CA ALA A 518 -20.75 8.74 4.62
C ALA A 518 -20.21 10.16 4.42
N ALA A 519 -19.68 10.47 3.23
CA ALA A 519 -19.20 11.81 2.92
C ALA A 519 -19.98 12.44 1.78
N GLY A 520 -21.18 11.95 1.50
CA GLY A 520 -22.04 12.54 0.49
C GLY A 520 -21.86 11.99 -0.90
N GLY A 521 -21.08 10.94 -1.10
CA GLY A 521 -20.96 10.34 -2.41
C GLY A 521 -22.28 9.81 -2.93
N GLY A 522 -22.34 9.68 -4.26
CA GLY A 522 -23.52 9.17 -4.92
C GLY A 522 -23.93 7.78 -4.46
N LEU A 523 -22.98 6.99 -3.95
CA LEU A 523 -23.32 5.68 -3.40
C LEU A 523 -24.38 5.77 -2.31
N ALA A 524 -24.49 6.91 -1.63
CA ALA A 524 -25.38 7.03 -0.49
C ALA A 524 -26.86 6.95 -0.88
N ILE A 525 -27.21 7.26 -2.12
CA ILE A 525 -28.60 7.30 -2.56
C ILE A 525 -28.93 6.19 -3.55
N LEU A 526 -28.06 5.19 -3.69
CA LEU A 526 -28.30 4.07 -4.59
C LEU A 526 -29.23 3.05 -3.95
N LYS A 527 -30.32 2.73 -4.64
CA LYS A 527 -31.25 1.71 -4.19
C LYS A 527 -30.97 0.39 -4.91
N THR A 528 -31.10 -0.71 -4.19
CA THR A 528 -30.99 -2.02 -4.82
C THR A 528 -32.11 -2.20 -5.84
N GLY A 529 -31.75 -2.59 -7.06
CA GLY A 529 -32.68 -2.71 -8.16
C GLY A 529 -32.51 -1.65 -9.22
N ASP A 530 -31.80 -0.56 -8.90
CA ASP A 530 -31.51 0.47 -9.89
C ASP A 530 -30.61 -0.08 -10.98
N ARG A 531 -30.86 0.33 -12.22
CA ARG A 531 -29.98 0.01 -13.33
C ARG A 531 -28.75 0.90 -13.27
N VAL A 532 -27.58 0.30 -13.41
CA VAL A 532 -26.32 1.03 -13.45
C VAL A 532 -25.60 0.69 -14.74
N ARG A 533 -24.78 1.62 -15.22
CA ARG A 533 -24.00 1.42 -16.44
C ARG A 533 -22.54 1.78 -16.16
N ILE A 534 -21.69 0.76 -16.12
CA ILE A 534 -20.25 0.94 -16.04
C ILE A 534 -19.71 0.91 -17.47
N ASP A 535 -19.19 2.04 -17.93
CA ASP A 535 -18.63 2.18 -19.28
C ASP A 535 -17.13 2.45 -19.13
N LEU A 536 -16.33 1.39 -19.28
CA LEU A 536 -14.89 1.56 -19.20
C LEU A 536 -14.34 2.31 -20.41
N GLY A 537 -15.06 2.33 -21.53
CA GLY A 537 -14.60 3.08 -22.68
C GLY A 537 -14.62 4.58 -22.43
N ARG A 538 -15.74 5.11 -21.98
CA ARG A 538 -15.88 6.52 -21.68
C ARG A 538 -15.53 6.84 -20.22
N GLY A 539 -15.06 5.85 -19.47
CA GLY A 539 -14.66 6.08 -18.09
C GLY A 539 -15.77 6.58 -17.18
N THR A 540 -17.01 6.15 -17.43
CA THR A 540 -18.16 6.61 -16.67
C THR A 540 -18.73 5.50 -15.82
N ALA A 541 -19.42 5.90 -14.76
CA ALA A 541 -20.07 4.96 -13.84
C ALA A 541 -21.28 5.68 -13.28
N ASP A 542 -22.46 5.36 -13.81
CA ASP A 542 -23.69 6.05 -13.44
C ASP A 542 -24.78 5.05 -13.08
N ILE A 543 -25.59 5.42 -12.10
CA ILE A 543 -26.89 4.78 -11.91
C ILE A 543 -27.88 5.45 -12.84
N LEU A 544 -28.46 4.67 -13.74
CA LEU A 544 -29.30 5.20 -14.83
C LEU A 544 -30.62 5.72 -14.24
N ILE A 545 -30.59 6.96 -13.78
CA ILE A 545 -31.75 7.62 -13.19
C ILE A 545 -31.73 9.08 -13.60
N SER A 546 -32.80 9.79 -13.24
CA SER A 546 -32.96 11.18 -13.60
C SER A 546 -32.14 12.08 -12.69
N ASP A 547 -31.58 13.16 -13.27
CA ASP A 547 -30.93 14.16 -12.44
C ASP A 547 -31.93 14.85 -11.51
N GLU A 548 -33.20 14.89 -11.92
CA GLU A 548 -34.24 15.40 -11.03
C GLU A 548 -34.44 14.46 -9.84
N GLU A 549 -34.63 13.17 -10.12
CA GLU A 549 -34.78 12.20 -9.04
C GLU A 549 -33.51 12.05 -8.20
N LEU A 550 -32.35 12.40 -8.76
CA LEU A 550 -31.12 12.30 -7.98
C LEU A 550 -31.14 13.25 -6.79
N ALA A 551 -31.49 14.53 -7.03
CA ALA A 551 -31.56 15.49 -5.94
C ALA A 551 -32.72 15.22 -5.00
N GLU A 552 -33.75 14.51 -5.46
CA GLU A 552 -34.86 14.14 -4.58
C GLU A 552 -34.42 13.10 -3.56
N ARG A 553 -33.68 12.08 -3.99
CA ARG A 553 -33.15 11.10 -3.05
C ARG A 553 -32.20 11.77 -2.05
N ARG A 554 -31.43 12.76 -2.51
CA ARG A 554 -30.49 13.46 -1.63
C ARG A 554 -31.20 14.42 -0.69
N LYS A 555 -32.28 15.06 -1.15
CA LYS A 555 -33.09 15.89 -0.26
C LYS A 555 -33.66 15.06 0.87
N ALA A 556 -34.23 13.90 0.54
CA ALA A 556 -34.79 13.02 1.56
C ALA A 556 -33.72 12.50 2.50
N LEU A 557 -32.48 12.37 2.03
CA LEU A 557 -31.39 11.94 2.89
C LEU A 557 -31.05 13.00 3.92
N GLU A 558 -30.68 14.21 3.47
CA GLU A 558 -30.34 15.28 4.40
C GLU A 558 -31.49 15.56 5.37
N ALA A 559 -32.73 15.42 4.91
CA ALA A 559 -33.88 15.65 5.77
C ALA A 559 -33.92 14.61 6.89
N VAL A 560 -33.75 13.33 6.55
CA VAL A 560 -33.86 12.24 7.51
C VAL A 560 -32.53 12.03 8.21
N GLY A 561 -31.70 13.06 8.24
CA GLY A 561 -30.33 12.90 8.72
C GLY A 561 -29.50 12.16 7.70
N GLY A 562 -28.21 12.46 7.61
CA GLY A 562 -27.38 11.94 6.54
C GLY A 562 -27.26 10.43 6.47
N TYR A 563 -26.32 9.95 5.66
CA TYR A 563 -26.05 8.52 5.60
C TYR A 563 -25.70 7.99 6.98
N LYS A 564 -26.18 6.79 7.29
CA LYS A 564 -26.03 6.20 8.62
C LYS A 564 -24.77 5.36 8.68
N TYR A 565 -23.99 5.54 9.75
CA TYR A 565 -22.77 4.77 9.94
C TYR A 565 -22.42 4.80 11.43
N PRO A 566 -21.64 3.83 11.92
CA PRO A 566 -21.49 3.64 13.36
C PRO A 566 -20.85 4.83 14.06
N GLU A 567 -21.31 5.09 15.29
CA GLU A 567 -20.66 6.06 16.14
C GLU A 567 -19.22 5.63 16.42
N SER A 568 -18.37 6.60 16.74
CA SER A 568 -16.99 6.30 17.06
C SER A 568 -16.90 5.47 18.33
N GLN A 569 -15.95 4.52 18.35
CA GLN A 569 -15.75 3.63 19.48
C GLN A 569 -14.53 3.96 20.34
N THR A 570 -13.58 4.74 19.85
CA THR A 570 -12.39 5.13 20.59
C THR A 570 -12.15 6.61 20.41
N PRO A 571 -11.35 7.23 21.28
CA PRO A 571 -11.03 8.66 21.09
C PRO A 571 -10.32 8.93 19.76
N TRP A 572 -9.43 8.05 19.33
CA TRP A 572 -8.73 8.27 18.06
C TRP A 572 -9.68 8.19 16.86
N GLN A 573 -10.62 7.25 16.87
CA GLN A 573 -11.64 7.21 15.81
C GLN A 573 -12.31 8.56 15.64
N GLU A 574 -12.77 9.15 16.74
CA GLU A 574 -13.45 10.44 16.68
C GLU A 574 -12.52 11.54 16.22
N ILE A 575 -11.32 11.61 16.81
CA ILE A 575 -10.36 12.65 16.43
C ILE A 575 -10.03 12.56 14.96
N GLN A 576 -9.83 11.35 14.44
CA GLN A 576 -9.42 11.19 13.05
C GLN A 576 -10.56 11.52 12.10
N ARG A 577 -11.79 11.09 12.43
CA ARG A 577 -12.93 11.35 11.56
C ARG A 577 -13.13 12.83 11.28
N ALA A 578 -12.71 13.71 12.19
CA ALA A 578 -12.98 15.13 11.99
C ALA A 578 -12.01 15.80 11.02
N VAL A 579 -10.89 15.16 10.66
CA VAL A 579 -9.91 15.82 9.80
C VAL A 579 -9.50 14.96 8.61
N ILE A 580 -9.93 13.70 8.58
CA ILE A 580 -9.46 12.81 7.52
C ILE A 580 -10.15 13.14 6.21
N GLY A 581 -9.41 13.09 5.11
CA GLY A 581 -9.95 13.28 3.79
C GLY A 581 -10.25 11.95 3.09
N GLN A 582 -10.59 12.07 1.81
CA GLN A 582 -11.07 10.91 1.07
C GLN A 582 -9.92 10.15 0.43
N MET A 583 -10.20 8.89 0.07
CA MET A 583 -9.15 8.01 -0.47
C MET A 583 -8.57 8.57 -1.75
N GLU A 584 -9.39 9.27 -2.54
CA GLU A 584 -8.91 9.90 -3.77
C GLU A 584 -7.65 10.70 -3.55
N THR A 585 -7.52 11.35 -2.40
CA THR A 585 -6.39 12.23 -2.13
C THR A 585 -5.52 11.69 -1.01
N GLY A 586 -5.59 10.38 -0.73
CA GLY A 586 -4.67 9.72 0.17
C GLY A 586 -5.20 9.37 1.54
N ALA A 587 -6.45 9.75 1.84
CA ALA A 587 -7.05 9.52 3.16
C ALA A 587 -6.11 9.99 4.27
N VAL A 588 -5.54 11.17 4.08
CA VAL A 588 -4.62 11.77 5.04
C VAL A 588 -5.37 12.62 6.04
N LEU A 589 -4.69 13.00 7.11
CA LEU A 589 -5.18 14.05 7.99
C LEU A 589 -5.00 15.38 7.26
N GLU A 590 -6.12 16.00 6.86
CA GLU A 590 -6.04 17.14 5.96
C GLU A 590 -5.26 18.30 6.55
N ASN A 591 -5.34 18.48 7.86
CA ASN A 591 -4.63 19.60 8.49
C ASN A 591 -3.15 19.32 8.70
N ALA A 592 -2.70 18.10 8.42
CA ALA A 592 -1.29 17.74 8.54
C ALA A 592 -0.48 18.12 7.30
N VAL A 593 -1.13 18.32 6.16
CA VAL A 593 -0.42 18.45 4.89
C VAL A 593 0.34 19.78 4.82
N LYS A 594 -0.14 20.81 5.51
CA LYS A 594 0.57 22.08 5.51
C LYS A 594 1.92 22.02 6.22
N TYR A 595 2.21 20.95 6.96
CA TYR A 595 3.50 20.82 7.67
C TYR A 595 4.51 20.20 6.71
N GLN A 596 5.41 21.03 6.19
CA GLN A 596 6.33 20.66 5.12
C GLN A 596 7.76 20.89 5.61
N ASP A 597 8.63 19.88 5.44
CA ASP A 597 10.06 20.06 5.67
C ASP A 597 10.31 20.66 7.06
N ILE A 598 9.65 20.11 8.07
CA ILE A 598 9.56 20.87 9.32
C ILE A 598 10.85 20.83 10.13
N ALA A 599 11.77 19.92 9.81
CA ALA A 599 13.07 19.97 10.48
C ALA A 599 13.89 21.19 10.06
N HIS A 600 13.60 21.77 8.89
CA HIS A 600 14.39 22.88 8.39
C HIS A 600 13.62 24.18 8.22
N THR A 601 12.30 24.13 8.02
CA THR A 601 11.51 25.35 7.96
C THR A 601 11.00 25.77 9.33
N ARG A 602 11.77 25.48 10.38
CA ARG A 602 11.44 25.80 11.77
C ARG A 602 10.24 25.01 12.28
N GLY A 603 9.41 24.48 11.38
CA GLY A 603 8.23 23.74 11.80
C GLY A 603 6.98 23.91 10.96
N LEU A 604 6.93 24.90 10.04
CA LEU A 604 5.87 25.17 9.06
C LEU A 604 4.50 25.46 9.69
N PRO A 605 3.61 26.19 8.99
CA PRO A 605 2.29 26.62 9.50
C PRO A 605 1.50 25.53 10.22
#